data_3BH0
#
_entry.id   3BH0
#
_cell.length_a   96.779
_cell.length_b   96.779
_cell.length_c   54.400
_cell.angle_alpha   90.00
_cell.angle_beta   90.00
_cell.angle_gamma   120.00
#
_symmetry.space_group_name_H-M   'P 61'
#
loop_
_entity.id
_entity.type
_entity.pdbx_description
1 polymer 'DNAB-LIKE REPLICATIVE HELICASE'
2 water water
#
_entity_poly.entity_id   1
_entity_poly.type   'polypeptide(L)'
_entity_poly.pdbx_seq_one_letter_code
;GSGPVKPIQEAVSELMEIEASGTDDDDGSIDEALVTVYEEIESADGNITGVPSGFTELDRMTYGYKRRNFVLIAARPSMG
KTAFALKQAKNMSDNDDVVNLHSLEMGKKENIKRLIVTAGSINAQKIKAARRDFASEDWGKLSMAIGEISNSNINIFDKA
GQSVNYIWSKTRQTKRKNPGKRVIVMIDYLQLLEPAKANDSRTNQISQISRDLKKMARELDVVVIALSQLSRQVEQRQDK
RPMLSDLRESGQLEQDADIIEFLYRDDYYDKESESKNIVEVIIAKHRDGPVGTVSLAFIKEYGNFVNLERRFDDR
;
_entity_poly.pdbx_strand_id   A
#
# COMPACT_ATOMS: atom_id res chain seq x y z
N ASP A 26 12.82 10.16 31.31
CA ASP A 26 12.91 10.37 29.82
C ASP A 26 13.29 11.81 29.45
N ASP A 27 14.58 12.11 29.45
CA ASP A 27 15.02 13.44 29.00
C ASP A 27 15.17 13.47 27.48
N GLY A 28 15.71 14.55 26.97
CA GLY A 28 15.82 14.72 25.53
C GLY A 28 17.22 14.40 25.05
N SER A 29 17.90 13.53 25.77
CA SER A 29 19.25 13.10 25.43
C SER A 29 19.29 12.51 24.02
N ILE A 30 20.26 12.98 23.23
CA ILE A 30 20.44 12.54 21.86
C ILE A 30 21.64 11.59 21.71
N ASP A 31 22.32 11.30 22.82
CA ASP A 31 23.60 10.58 22.80
C ASP A 31 23.51 9.19 22.21
N GLU A 32 22.55 8.41 22.71
CA GLU A 32 22.35 7.04 22.25
C GLU A 32 21.78 6.99 20.84
N ALA A 33 20.99 8.00 20.47
CA ALA A 33 20.47 8.13 19.13
C ALA A 33 21.59 8.54 18.18
N LEU A 34 22.50 9.37 18.67
CA LEU A 34 23.60 9.88 17.85
C LEU A 34 24.54 8.75 17.42
N VAL A 35 24.73 7.78 18.30
CA VAL A 35 25.56 6.63 17.96
C VAL A 35 24.87 5.68 17.00
N THR A 36 23.58 5.43 17.20
CA THR A 36 22.84 4.54 16.30
C THR A 36 22.75 5.07 14.86
N VAL A 37 22.61 6.40 14.73
CA VAL A 37 22.58 7.07 13.42
C VAL A 37 23.88 6.83 12.67
N TYR A 38 25.00 7.15 13.33
CA TYR A 38 26.35 6.92 12.81
C TYR A 38 26.62 5.45 12.44
N GLU A 39 26.15 4.54 13.28
CA GLU A 39 26.21 3.10 13.04
C GLU A 39 25.50 2.70 11.74
N GLU A 40 24.32 3.30 11.52
CA GLU A 40 23.49 3.05 10.34
C GLU A 40 24.13 3.59 9.06
N ILE A 41 24.93 4.64 9.22
CA ILE A 41 25.69 5.26 8.13
C ILE A 41 26.83 4.35 7.65
N GLU A 42 27.52 3.69 8.59
CA GLU A 42 28.50 2.66 8.24
C GLU A 42 27.86 1.41 7.65
N SER A 43 26.63 1.11 8.09
CA SER A 43 25.93 -0.05 7.56
C SER A 43 25.37 0.22 6.17
N ALA A 44 25.46 1.48 5.73
CA ALA A 44 24.80 1.96 4.49
C ALA A 44 25.49 1.50 3.18
N ASP A 45 25.40 0.21 2.90
CA ASP A 45 26.12 -0.42 1.79
C ASP A 45 25.47 -0.22 0.42
N GLY A 46 24.27 0.36 0.40
CA GLY A 46 23.54 0.59 -0.84
C GLY A 46 22.30 -0.29 -0.97
N ASN A 47 22.14 -1.22 -0.04
CA ASN A 47 20.96 -2.07 -0.01
C ASN A 47 19.79 -1.41 0.72
N ILE A 48 18.59 -1.96 0.48
CA ILE A 48 17.37 -1.44 1.08
C ILE A 48 17.42 -1.63 2.61
N THR A 49 17.30 -0.51 3.32
CA THR A 49 17.26 -0.50 4.76
C THR A 49 15.89 -1.00 5.22
N GLY A 50 14.86 -0.23 4.89
CA GLY A 50 13.50 -0.53 5.35
C GLY A 50 12.77 -1.65 4.63
N VAL A 51 11.46 -1.70 4.85
CA VAL A 51 10.60 -2.70 4.26
C VAL A 51 10.47 -2.40 2.77
N PRO A 52 10.75 -3.41 1.93
CA PRO A 52 10.63 -3.18 0.49
C PRO A 52 9.17 -3.26 -0.01
N SER A 53 8.81 -2.36 -0.91
CA SER A 53 7.61 -2.47 -1.72
C SER A 53 7.73 -3.65 -2.68
N GLY A 54 8.97 -3.94 -3.09
CA GLY A 54 9.28 -5.02 -4.02
C GLY A 54 9.41 -4.49 -5.45
N PHE A 55 9.19 -3.19 -5.59
CA PHE A 55 9.39 -2.53 -6.86
C PHE A 55 10.75 -1.85 -6.78
N THR A 56 11.72 -2.51 -7.42
CA THR A 56 13.13 -2.15 -7.37
C THR A 56 13.38 -0.64 -7.32
N GLU A 57 12.86 0.07 -8.33
CA GLU A 57 13.20 1.47 -8.54
C GLU A 57 12.55 2.41 -7.57
N LEU A 58 11.50 1.95 -6.91
CA LEU A 58 10.83 2.75 -5.88
C LEU A 58 11.60 2.60 -4.56
N ASP A 59 12.03 1.37 -4.28
CA ASP A 59 12.88 1.06 -3.14
C ASP A 59 14.25 1.76 -3.26
N ARG A 60 14.72 1.95 -4.49
CA ARG A 60 15.93 2.74 -4.73
C ARG A 60 15.75 4.16 -4.20
N MET A 61 14.59 4.77 -4.47
CA MET A 61 14.32 6.15 -4.02
C MET A 61 14.13 6.26 -2.51
N THR A 62 13.41 5.29 -1.92
CA THR A 62 13.03 5.33 -0.51
C THR A 62 14.02 4.63 0.41
N TYR A 63 14.69 3.59 -0.12
CA TYR A 63 15.53 2.65 0.64
C TYR A 63 14.70 1.75 1.56
N GLY A 64 13.44 1.59 1.19
CA GLY A 64 12.46 0.82 1.97
C GLY A 64 11.61 1.71 2.85
N TYR A 65 10.47 1.17 3.29
CA TYR A 65 9.60 1.87 4.21
C TYR A 65 10.17 1.78 5.61
N LYS A 66 10.15 2.88 6.33
CA LYS A 66 10.73 2.93 7.66
C LYS A 66 9.64 2.73 8.70
N ARG A 67 10.00 2.03 9.77
CA ARG A 67 9.18 1.85 10.95
C ARG A 67 8.31 3.07 11.38
N ARG A 68 8.63 4.28 10.96
CA ARG A 68 7.75 5.40 11.34
C ARG A 68 6.82 5.93 10.22
N ASN A 69 7.03 5.44 9.00
CA ASN A 69 6.41 6.03 7.81
C ASN A 69 4.89 5.91 7.74
N PHE A 70 4.28 6.98 7.27
CA PHE A 70 2.88 6.98 6.93
C PHE A 70 2.85 7.20 5.41
N VAL A 71 2.56 6.15 4.68
CA VAL A 71 2.53 6.23 3.22
C VAL A 71 1.13 6.12 2.65
N LEU A 72 0.90 6.98 1.66
CA LEU A 72 -0.37 7.11 0.99
C LEU A 72 -0.25 6.66 -0.46
N ILE A 73 -1.18 5.79 -0.87
CA ILE A 73 -1.30 5.35 -2.25
C ILE A 73 -2.65 5.87 -2.71
N ALA A 74 -2.62 6.95 -3.47
CA ALA A 74 -3.81 7.56 -3.98
C ALA A 74 -3.92 7.47 -5.52
N ALA A 75 -5.13 7.23 -6.00
CA ALA A 75 -5.35 7.14 -7.45
C ALA A 75 -6.83 7.23 -7.72
N ARG A 76 -7.14 7.73 -8.91
CA ARG A 76 -8.47 7.64 -9.49
C ARG A 76 -8.86 6.17 -9.70
N PRO A 77 -10.16 5.87 -9.92
CA PRO A 77 -10.54 4.50 -10.22
C PRO A 77 -9.85 3.94 -11.48
N SER A 78 -9.56 2.64 -11.47
CA SER A 78 -9.05 1.92 -12.64
C SER A 78 -7.58 2.13 -12.94
N MET A 79 -6.84 2.74 -12.02
CA MET A 79 -5.41 2.95 -12.22
C MET A 79 -4.56 1.78 -11.71
N GLY A 80 -5.18 0.85 -10.98
CA GLY A 80 -4.47 -0.33 -10.48
C GLY A 80 -4.18 -0.39 -8.97
N LYS A 81 -4.79 0.54 -8.24
CA LYS A 81 -4.57 0.81 -6.80
C LYS A 81 -4.62 -0.42 -5.90
N THR A 82 -5.70 -1.20 -6.01
CA THR A 82 -5.87 -2.40 -5.18
C THR A 82 -4.85 -3.48 -5.54
N ALA A 83 -4.78 -3.80 -6.83
CA ALA A 83 -3.80 -4.71 -7.40
C ALA A 83 -2.37 -4.34 -6.96
N PHE A 84 -2.07 -3.05 -7.00
CA PHE A 84 -0.76 -2.51 -6.63
C PHE A 84 -0.47 -2.66 -5.14
N ALA A 85 -1.47 -2.33 -4.32
CA ALA A 85 -1.35 -2.52 -2.88
C ALA A 85 -1.17 -4.01 -2.50
N LEU A 86 -2.01 -4.88 -3.09
CA LEU A 86 -1.89 -6.31 -2.78
C LEU A 86 -0.56 -6.87 -3.25
N LYS A 87 -0.08 -6.36 -4.37
CA LYS A 87 1.20 -6.78 -4.91
C LYS A 87 2.25 -6.52 -3.84
N GLN A 88 2.36 -5.27 -3.43
CA GLN A 88 3.17 -4.83 -2.29
C GLN A 88 3.00 -5.69 -1.05
N ALA A 89 1.76 -5.93 -0.64
CA ALA A 89 1.50 -6.72 0.56
C ALA A 89 2.22 -8.06 0.51
N LYS A 90 2.19 -8.71 -0.65
CA LYS A 90 2.75 -10.04 -0.79
C LYS A 90 4.26 -9.97 -0.85
N ASN A 91 4.78 -8.94 -1.52
CA ASN A 91 6.22 -8.66 -1.60
C ASN A 91 6.88 -8.42 -0.25
N MET A 92 6.18 -7.69 0.61
CA MET A 92 6.61 -7.47 1.99
C MET A 92 6.50 -8.73 2.82
N SER A 93 5.44 -9.50 2.60
CA SER A 93 5.29 -10.79 3.24
C SER A 93 6.47 -11.69 2.91
N ASP A 94 6.98 -11.57 1.69
CA ASP A 94 8.12 -12.36 1.22
C ASP A 94 9.46 -12.00 1.87
N ASN A 95 9.57 -10.79 2.41
CA ASN A 95 10.73 -10.44 3.22
C ASN A 95 10.57 -10.98 4.63
N ASP A 96 9.47 -11.70 4.86
CA ASP A 96 9.05 -12.21 6.17
C ASP A 96 8.65 -11.09 7.15
N ASP A 97 8.25 -9.95 6.59
CA ASP A 97 7.61 -8.91 7.37
C ASP A 97 6.14 -9.29 7.49
N VAL A 98 5.45 -8.68 8.46
CA VAL A 98 4.05 -8.99 8.76
C VAL A 98 3.12 -7.91 8.20
N VAL A 99 2.17 -8.32 7.38
CA VAL A 99 1.21 -7.40 6.76
C VAL A 99 -0.19 -7.56 7.34
N ASN A 100 -0.72 -6.49 7.91
CA ASN A 100 -2.10 -6.43 8.38
C ASN A 100 -2.90 -5.62 7.36
N LEU A 101 -3.77 -6.30 6.63
CA LEU A 101 -4.60 -5.63 5.64
C LEU A 101 -5.97 -5.37 6.21
N HIS A 102 -6.31 -4.10 6.33
CA HIS A 102 -7.62 -3.70 6.80
C HIS A 102 -8.46 -3.34 5.58
N SER A 103 -9.32 -4.29 5.21
CA SER A 103 -10.08 -4.17 3.97
C SER A 103 -11.55 -3.91 4.24
N LEU A 104 -11.92 -2.66 4.05
CA LEU A 104 -13.20 -2.13 4.43
C LEU A 104 -14.16 -2.22 3.27
N GLU A 105 -13.59 -2.34 2.08
CA GLU A 105 -14.30 -2.44 0.84
C GLU A 105 -14.71 -3.90 0.56
N MET A 106 -13.79 -4.83 0.79
CA MET A 106 -13.93 -6.21 0.36
C MET A 106 -13.84 -7.17 1.53
N GLY A 107 -14.43 -8.35 1.40
CA GLY A 107 -14.22 -9.47 2.34
C GLY A 107 -12.89 -10.17 2.13
N LYS A 108 -12.44 -10.93 3.13
CA LYS A 108 -11.17 -11.68 3.06
C LYS A 108 -11.19 -12.61 1.87
N LYS A 109 -12.30 -13.31 1.67
CA LYS A 109 -12.45 -14.21 0.53
C LYS A 109 -12.02 -13.52 -0.77
N GLU A 110 -12.55 -12.32 -0.98
CA GLU A 110 -12.31 -11.54 -2.19
C GLU A 110 -10.84 -11.10 -2.34
N ASN A 111 -10.22 -10.71 -1.24
CA ASN A 111 -8.79 -10.40 -1.19
C ASN A 111 -7.95 -11.61 -1.49
N ILE A 112 -8.31 -12.74 -0.90
CA ILE A 112 -7.56 -14.00 -1.03
C ILE A 112 -7.57 -14.53 -2.46
N LYS A 113 -8.71 -14.43 -3.16
CA LYS A 113 -8.77 -14.83 -4.57
C LYS A 113 -7.83 -14.00 -5.43
N ARG A 114 -7.79 -12.68 -5.20
CA ARG A 114 -6.84 -11.83 -5.92
C ARG A 114 -5.39 -12.24 -5.65
N LEU A 115 -5.08 -12.52 -4.39
CA LEU A 115 -3.74 -12.98 -3.99
C LEU A 115 -3.34 -14.27 -4.72
N ILE A 116 -4.26 -15.23 -4.76
CA ILE A 116 -4.11 -16.47 -5.53
C ILE A 116 -3.89 -16.22 -7.03
N VAL A 117 -4.84 -15.50 -7.64
CA VAL A 117 -4.73 -15.14 -9.05
C VAL A 117 -3.37 -14.54 -9.40
N THR A 118 -2.88 -13.60 -8.58
CA THR A 118 -1.59 -12.96 -8.83
C THR A 118 -0.39 -13.91 -8.63
N ALA A 119 -0.41 -14.67 -7.53
CA ALA A 119 0.72 -15.54 -7.18
C ALA A 119 0.92 -16.66 -8.22
N GLY A 120 -0.16 -17.36 -8.56
CA GLY A 120 -0.07 -18.52 -9.43
C GLY A 120 -0.18 -18.27 -10.92
N SER A 121 -0.25 -17.00 -11.33
CA SER A 121 -0.57 -16.64 -12.72
C SER A 121 -1.76 -17.43 -13.26
N ILE A 122 -2.87 -17.39 -12.54
CA ILE A 122 -4.11 -17.97 -12.99
C ILE A 122 -5.03 -16.85 -13.49
N ASN A 123 -5.93 -17.17 -14.41
CA ASN A 123 -6.87 -16.21 -14.96
C ASN A 123 -8.14 -16.07 -14.09
N ALA A 124 -8.56 -14.83 -13.86
CA ALA A 124 -9.63 -14.51 -12.90
C ALA A 124 -11.02 -15.03 -13.28
N GLN A 125 -11.33 -15.07 -14.57
CA GLN A 125 -12.64 -15.58 -15.02
C GLN A 125 -12.70 -17.09 -14.94
N LYS A 126 -11.60 -17.74 -15.32
CA LYS A 126 -11.48 -19.18 -15.24
C LYS A 126 -11.61 -19.63 -13.80
N ILE A 127 -10.94 -18.91 -12.91
CA ILE A 127 -11.01 -19.19 -11.47
C ILE A 127 -12.36 -18.80 -10.88
N LYS A 128 -12.96 -17.73 -11.45
CA LYS A 128 -14.10 -17.00 -10.85
C LYS A 128 -15.22 -17.96 -10.48
N ALA A 129 -15.64 -18.72 -11.48
CA ALA A 129 -16.44 -19.88 -11.24
C ALA A 129 -15.84 -20.80 -12.26
N ALA A 130 -16.59 -21.81 -12.65
CA ALA A 130 -16.22 -22.67 -13.76
C ALA A 130 -14.74 -23.09 -13.73
N ARG A 131 -14.13 -23.07 -12.55
CA ARG A 131 -12.80 -23.63 -12.39
C ARG A 131 -12.89 -25.14 -12.59
N ARG A 132 -13.99 -25.72 -12.09
CA ARG A 132 -14.33 -27.13 -12.25
C ARG A 132 -14.35 -27.59 -13.72
N ASP A 133 -14.64 -26.69 -14.66
CA ASP A 133 -14.49 -27.03 -16.08
C ASP A 133 -13.53 -26.16 -16.88
N PHE A 134 -13.63 -24.83 -16.74
CA PHE A 134 -12.87 -23.91 -17.62
C PHE A 134 -11.35 -24.00 -17.42
N ALA A 135 -10.93 -24.71 -16.38
CA ALA A 135 -9.52 -24.83 -16.04
C ALA A 135 -8.85 -26.04 -16.67
N SER A 136 -7.62 -25.82 -17.16
CA SER A 136 -6.78 -26.89 -17.66
C SER A 136 -5.99 -27.51 -16.51
N GLU A 137 -4.70 -27.79 -16.75
CA GLU A 137 -3.80 -28.27 -15.72
C GLU A 137 -3.23 -27.07 -14.94
N ASP A 138 -4.17 -26.27 -14.41
CA ASP A 138 -3.90 -25.08 -13.61
C ASP A 138 -3.99 -25.40 -12.12
N TRP A 139 -4.27 -26.67 -11.80
CA TRP A 139 -4.50 -27.08 -10.41
C TRP A 139 -3.20 -27.18 -9.60
N GLY A 140 -2.09 -27.37 -10.32
CA GLY A 140 -0.75 -27.36 -9.73
C GLY A 140 -0.38 -25.95 -9.34
N LYS A 141 -0.72 -25.00 -10.22
CA LYS A 141 -0.64 -23.57 -9.93
C LYS A 141 -1.46 -23.19 -8.67
N LEU A 142 -2.74 -23.58 -8.67
CA LEU A 142 -3.66 -23.25 -7.57
C LEU A 142 -3.18 -23.73 -6.21
N SER A 143 -2.62 -24.94 -6.17
CA SER A 143 -2.10 -25.54 -4.95
C SER A 143 -0.76 -24.92 -4.57
N MET A 144 0.04 -24.56 -5.58
CA MET A 144 1.27 -23.78 -5.40
C MET A 144 0.91 -22.41 -4.81
N ALA A 145 -0.07 -21.75 -5.43
CA ALA A 145 -0.57 -20.45 -5.00
C ALA A 145 -1.20 -20.49 -3.61
N ILE A 146 -2.03 -21.49 -3.33
CA ILE A 146 -2.62 -21.62 -2.00
C ILE A 146 -1.57 -21.93 -0.93
N GLY A 147 -0.49 -22.58 -1.37
CA GLY A 147 0.63 -22.91 -0.50
C GLY A 147 1.34 -21.66 -0.06
N GLU A 148 1.56 -20.76 -1.01
CA GLU A 148 2.25 -19.50 -0.74
C GLU A 148 1.48 -18.53 0.15
N ILE A 149 0.17 -18.44 -0.07
CA ILE A 149 -0.72 -17.58 0.73
C ILE A 149 -0.86 -18.12 2.15
N SER A 150 -0.92 -19.46 2.27
CA SER A 150 -1.00 -20.16 3.56
C SER A 150 0.24 -19.97 4.41
N ASN A 151 1.39 -19.91 3.76
CA ASN A 151 2.68 -19.71 4.42
C ASN A 151 3.17 -18.28 4.26
N SER A 152 2.22 -17.34 4.29
CA SER A 152 2.53 -15.92 4.22
C SER A 152 2.14 -15.22 5.52
N ASN A 153 2.61 -13.99 5.69
CA ASN A 153 2.34 -13.19 6.88
C ASN A 153 1.34 -12.07 6.56
N ILE A 154 0.26 -12.47 5.90
CA ILE A 154 -0.77 -11.56 5.49
C ILE A 154 -1.92 -11.84 6.42
N ASN A 155 -2.29 -10.85 7.21
CA ASN A 155 -3.52 -10.92 7.98
C ASN A 155 -4.50 -10.02 7.30
N ILE A 156 -5.78 -10.35 7.42
CA ILE A 156 -6.83 -9.54 6.83
C ILE A 156 -7.90 -9.23 7.87
N PHE A 157 -8.25 -7.95 7.99
CA PHE A 157 -9.34 -7.52 8.85
C PHE A 157 -10.42 -6.86 8.00
N ASP A 158 -11.51 -7.60 7.78
CA ASP A 158 -12.50 -7.21 6.79
C ASP A 158 -13.79 -6.58 7.32
N LYS A 159 -13.81 -6.24 8.60
CA LYS A 159 -14.98 -5.57 9.20
C LYS A 159 -15.30 -4.25 8.50
N ALA A 160 -16.58 -4.08 8.15
CA ALA A 160 -17.01 -2.92 7.36
C ALA A 160 -16.71 -1.59 8.07
N GLY A 161 -16.98 -1.53 9.37
CA GLY A 161 -16.81 -0.31 10.17
C GLY A 161 -15.61 -0.40 11.08
N GLN A 162 -14.57 0.37 10.76
CA GLN A 162 -13.33 0.36 11.53
C GLN A 162 -12.85 1.78 11.70
N SER A 163 -12.59 2.16 12.96
CA SER A 163 -11.99 3.44 13.28
C SER A 163 -10.47 3.26 13.31
N VAL A 164 -9.73 4.34 13.44
CA VAL A 164 -8.27 4.21 13.70
C VAL A 164 -8.04 3.55 15.05
N ASN A 165 -8.91 3.86 16.00
CA ASN A 165 -8.87 3.28 17.33
C ASN A 165 -8.95 1.76 17.24
N TYR A 166 -9.93 1.28 16.49
CA TYR A 166 -10.09 -0.14 16.22
C TYR A 166 -8.82 -0.73 15.63
N ILE A 167 -8.20 -0.02 14.70
CA ILE A 167 -7.00 -0.54 14.00
C ILE A 167 -5.78 -0.51 14.90
N TRP A 168 -5.70 0.53 15.73
CA TRP A 168 -4.71 0.65 16.80
C TRP A 168 -4.66 -0.61 17.64
N SER A 169 -5.83 -0.99 18.14
CA SER A 169 -6.00 -2.21 18.93
C SER A 169 -5.41 -3.47 18.26
N LYS A 170 -5.72 -3.64 16.97
CA LYS A 170 -5.28 -4.82 16.21
C LYS A 170 -3.79 -4.83 15.91
N THR A 171 -3.24 -3.66 15.63
CA THR A 171 -1.81 -3.53 15.36
C THR A 171 -0.96 -3.97 16.57
N ARG A 172 -1.36 -3.52 17.76
CA ARG A 172 -0.70 -3.90 19.01
C ARG A 172 -0.81 -5.40 19.24
N GLN A 173 -2.06 -5.87 19.22
CA GLN A 173 -2.40 -7.28 19.22
C GLN A 173 -1.54 -8.12 18.27
N THR A 174 -1.30 -7.62 17.06
CA THR A 174 -0.40 -8.29 16.08
C THR A 174 1.07 -8.21 16.48
N LYS A 175 1.46 -7.06 17.02
CA LYS A 175 2.83 -6.85 17.47
C LYS A 175 3.16 -7.90 18.52
N ARG A 176 2.34 -7.96 19.56
CA ARG A 176 2.50 -8.94 20.64
C ARG A 176 2.66 -10.37 20.15
N LYS A 177 1.95 -10.72 19.06
CA LYS A 177 1.97 -12.07 18.52
C LYS A 177 3.08 -12.30 17.49
N ASN A 178 3.85 -11.24 17.21
CA ASN A 178 5.01 -11.36 16.32
C ASN A 178 6.23 -10.67 16.92
N PRO A 179 7.13 -11.47 17.56
CA PRO A 179 8.37 -11.06 18.22
C PRO A 179 9.12 -9.90 17.55
N GLY A 180 10.13 -10.21 16.73
CA GLY A 180 11.03 -9.19 16.22
C GLY A 180 10.64 -8.62 14.86
N LYS A 181 9.36 -8.81 14.51
CA LYS A 181 8.91 -8.55 13.14
C LYS A 181 8.38 -7.14 12.98
N ARG A 182 8.82 -6.47 11.92
CA ARG A 182 8.24 -5.21 11.51
C ARG A 182 6.86 -5.44 10.87
N VAL A 183 5.82 -4.85 11.49
CA VAL A 183 4.42 -4.92 11.07
C VAL A 183 4.10 -3.79 10.08
N ILE A 184 3.28 -4.11 9.07
CA ILE A 184 2.87 -3.10 8.08
C ILE A 184 1.36 -3.04 8.05
N VAL A 185 0.79 -1.87 8.33
CA VAL A 185 -0.68 -1.74 8.36
C VAL A 185 -1.18 -1.15 7.05
N MET A 186 -1.86 -1.97 6.24
CA MET A 186 -2.44 -1.53 4.97
C MET A 186 -3.93 -1.26 5.16
N ILE A 187 -4.38 -0.08 4.73
CA ILE A 187 -5.79 0.24 4.88
C ILE A 187 -6.49 0.39 3.52
N ASP A 188 -7.32 -0.60 3.15
CA ASP A 188 -8.10 -0.47 1.90
C ASP A 188 -9.13 0.60 2.06
N TYR A 189 -8.52 1.74 1.81
CA TYR A 189 -9.03 3.05 1.62
C TYR A 189 -9.57 3.81 2.80
N LEU A 190 -8.84 4.91 3.02
CA LEU A 190 -8.86 5.73 4.18
C LEU A 190 -10.20 6.40 4.42
N GLN A 191 -10.85 6.82 3.35
CA GLN A 191 -12.05 7.66 3.43
C GLN A 191 -13.29 6.86 3.79
N LEU A 192 -13.09 5.57 4.01
CA LEU A 192 -14.10 4.65 4.49
C LEU A 192 -14.01 4.45 6.01
N LEU A 193 -12.91 4.89 6.61
CA LEU A 193 -12.68 4.70 8.05
C LEU A 193 -13.73 5.44 8.89
N GLU A 194 -14.11 4.87 10.02
CA GLU A 194 -15.04 5.53 10.94
C GLU A 194 -14.34 6.71 11.59
N PRO A 195 -14.84 7.94 11.39
CA PRO A 195 -14.21 9.08 12.05
C PRO A 195 -14.49 9.11 13.56
N ALA A 196 -13.60 9.72 14.34
CA ALA A 196 -13.71 9.71 15.81
C ALA A 196 -14.93 10.49 16.27
N LYS A 197 -15.19 11.62 15.62
CA LYS A 197 -16.35 12.43 15.94
C LYS A 197 -17.35 12.43 14.79
N ALA A 198 -18.44 11.68 14.97
CA ALA A 198 -19.50 11.51 13.98
C ALA A 198 -20.11 12.82 13.47
N ASN A 199 -20.21 13.81 14.35
CA ASN A 199 -20.87 15.05 13.97
C ASN A 199 -19.96 16.13 13.40
N ASP A 200 -18.66 15.85 13.35
CA ASP A 200 -17.69 16.76 12.77
C ASP A 200 -17.92 16.97 11.27
N SER A 201 -17.38 18.08 10.74
CA SER A 201 -17.37 18.31 9.30
C SER A 201 -16.58 17.19 8.63
N ARG A 202 -16.84 16.98 7.34
CA ARG A 202 -16.19 15.87 6.64
C ARG A 202 -14.66 16.03 6.58
N THR A 203 -14.21 17.26 6.31
CA THR A 203 -12.79 17.62 6.25
C THR A 203 -12.10 17.38 7.60
N ASN A 204 -12.73 17.81 8.70
CA ASN A 204 -12.24 17.56 10.05
C ASN A 204 -12.12 16.09 10.43
N GLN A 205 -13.09 15.30 9.99
CA GLN A 205 -13.03 13.85 10.16
C GLN A 205 -11.83 13.25 9.44
N ILE A 206 -11.61 13.64 8.18
CA ILE A 206 -10.47 13.12 7.43
C ILE A 206 -9.13 13.63 8.01
N SER A 207 -9.12 14.88 8.45
CA SER A 207 -7.96 15.45 9.14
C SER A 207 -7.60 14.63 10.37
N GLN A 208 -8.59 14.35 11.23
CA GLN A 208 -8.40 13.52 12.43
C GLN A 208 -7.92 12.13 12.07
N ILE A 209 -8.61 11.46 11.14
CA ILE A 209 -8.16 10.14 10.67
C ILE A 209 -6.69 10.18 10.27
N SER A 210 -6.30 11.22 9.54
CA SER A 210 -4.91 11.36 9.05
C SER A 210 -3.88 11.54 10.17
N ARG A 211 -4.13 12.49 11.08
CA ARG A 211 -3.26 12.71 12.24
C ARG A 211 -3.07 11.44 13.05
N ASP A 212 -4.19 10.77 13.32
CA ASP A 212 -4.19 9.56 14.15
C ASP A 212 -3.44 8.40 13.50
N LEU A 213 -3.55 8.30 12.16
CA LEU A 213 -2.85 7.24 11.41
C LEU A 213 -1.35 7.44 11.48
N LYS A 214 -0.91 8.69 11.43
CA LYS A 214 0.51 9.01 11.52
C LYS A 214 1.03 8.79 12.96
N LYS A 215 0.25 9.27 13.94
CA LYS A 215 0.55 9.07 15.35
C LYS A 215 0.68 7.57 15.66
N MET A 216 -0.27 6.77 15.18
CA MET A 216 -0.22 5.32 15.30
C MET A 216 1.04 4.72 14.67
N ALA A 217 1.38 5.14 13.46
CA ALA A 217 2.61 4.72 12.80
C ALA A 217 3.80 4.95 13.72
N ARG A 218 3.88 6.16 14.25
CA ARG A 218 4.94 6.60 15.15
C ARG A 218 4.91 5.89 16.52
N GLU A 219 3.76 5.95 17.20
CA GLU A 219 3.62 5.50 18.59
C GLU A 219 3.74 3.99 18.72
N LEU A 220 3.21 3.24 17.75
CA LEU A 220 3.37 1.78 17.73
C LEU A 220 4.59 1.31 16.95
N ASP A 221 5.24 2.23 16.24
CA ASP A 221 6.46 1.90 15.50
C ASP A 221 6.18 0.95 14.31
N VAL A 222 5.17 1.30 13.52
CA VAL A 222 4.81 0.51 12.33
C VAL A 222 4.80 1.35 11.05
N VAL A 223 4.88 0.67 9.91
CA VAL A 223 4.56 1.30 8.63
C VAL A 223 3.04 1.31 8.44
N VAL A 224 2.47 2.49 8.23
CA VAL A 224 1.06 2.59 7.84
C VAL A 224 1.00 2.95 6.36
N ILE A 225 0.26 2.14 5.60
CA ILE A 225 0.01 2.38 4.20
C ILE A 225 -1.50 2.52 3.97
N ALA A 226 -1.94 3.76 3.73
CA ALA A 226 -3.31 4.04 3.45
C ALA A 226 -3.56 4.33 1.96
N LEU A 227 -4.48 3.56 1.39
CA LEU A 227 -5.05 3.83 0.09
C LEU A 227 -6.03 4.99 0.22
N SER A 228 -6.09 5.83 -0.81
CA SER A 228 -6.89 7.03 -0.80
C SER A 228 -7.45 7.30 -2.18
N GLN A 229 -8.69 7.76 -2.21
CA GLN A 229 -9.34 8.13 -3.45
C GLN A 229 -8.84 9.51 -3.81
N LEU A 230 -9.22 9.99 -5.00
CA LEU A 230 -8.86 11.34 -5.43
C LEU A 230 -10.06 12.02 -6.04
N SER A 231 -10.01 13.35 -6.09
CA SER A 231 -11.07 14.20 -6.66
C SER A 231 -11.37 13.83 -8.12
N ARG A 232 -12.65 13.84 -8.49
CA ARG A 232 -13.02 13.51 -9.88
C ARG A 232 -12.67 14.63 -10.84
N GLN A 233 -12.18 15.72 -10.25
CA GLN A 233 -11.73 16.90 -10.95
C GLN A 233 -10.41 16.65 -11.67
N VAL A 234 -9.71 15.60 -11.26
CA VAL A 234 -8.51 15.15 -11.96
C VAL A 234 -8.84 14.95 -13.44
N GLU A 235 -10.04 14.47 -13.70
CA GLU A 235 -10.43 14.00 -15.02
C GLU A 235 -10.97 15.09 -15.94
N GLN A 236 -11.42 16.21 -15.37
CA GLN A 236 -11.72 17.40 -16.17
C GLN A 236 -10.53 18.35 -16.26
N ARG A 237 -9.36 17.75 -16.43
CA ARG A 237 -8.11 18.43 -16.76
C ARG A 237 -7.63 17.82 -18.07
N GLN A 238 -6.79 18.55 -18.80
CA GLN A 238 -6.14 18.02 -20.00
C GLN A 238 -5.20 16.89 -19.60
N ASP A 239 -4.16 17.23 -18.84
CA ASP A 239 -3.25 16.26 -18.25
C ASP A 239 -3.84 15.71 -16.95
N LYS A 240 -4.21 14.43 -16.98
CA LYS A 240 -4.91 13.82 -15.86
C LYS A 240 -3.99 13.08 -14.91
N ARG A 241 -2.71 13.43 -14.93
CA ARG A 241 -1.81 12.97 -13.87
C ARG A 241 -2.18 13.66 -12.54
N PRO A 242 -2.31 12.88 -11.46
CA PRO A 242 -2.74 13.46 -10.19
C PRO A 242 -1.71 14.42 -9.65
N MET A 243 -2.17 15.46 -8.96
CA MET A 243 -1.26 16.34 -8.23
C MET A 243 -1.68 16.46 -6.76
N LEU A 244 -0.83 17.07 -5.95
CA LEU A 244 -1.05 17.14 -4.51
C LEU A 244 -2.33 17.89 -4.15
N SER A 245 -2.66 18.91 -4.95
CA SER A 245 -3.91 19.64 -4.82
C SER A 245 -5.17 18.75 -5.02
N ASP A 246 -5.02 17.59 -5.65
CA ASP A 246 -6.16 16.68 -5.87
C ASP A 246 -6.71 16.02 -4.59
N LEU A 247 -5.93 16.09 -3.52
CA LEU A 247 -6.35 15.54 -2.23
C LEU A 247 -7.32 16.50 -1.52
N ARG A 248 -8.03 17.32 -2.29
CA ARG A 248 -8.85 18.48 -1.79
C ARG A 248 -9.61 18.29 -0.49
N GLU A 249 -10.56 17.34 -0.51
CA GLU A 249 -11.57 17.18 0.54
C GLU A 249 -11.01 16.73 1.90
N SER A 250 -9.68 16.61 1.96
CA SER A 250 -8.99 16.04 3.10
C SER A 250 -8.10 17.06 3.83
N GLY A 251 -7.34 17.84 3.04
CA GLY A 251 -6.40 18.84 3.57
C GLY A 251 -5.17 18.25 4.25
N GLN A 252 -5.32 17.99 5.55
CA GLN A 252 -4.29 17.42 6.41
C GLN A 252 -3.47 16.30 5.77
N LEU A 253 -4.13 15.52 4.91
CA LEU A 253 -3.59 14.30 4.34
C LEU A 253 -2.19 14.42 3.74
N GLU A 254 -1.95 15.47 2.95
CA GLU A 254 -0.64 15.68 2.33
C GLU A 254 0.43 16.09 3.34
N GLN A 255 0.01 16.75 4.41
CA GLN A 255 0.95 17.18 5.44
C GLN A 255 1.47 16.02 6.28
N ASP A 256 0.59 15.14 6.71
CA ASP A 256 0.98 14.04 7.60
C ASP A 256 1.81 12.94 6.96
N ALA A 257 1.55 12.63 5.70
CA ALA A 257 2.23 11.54 5.02
C ALA A 257 3.70 11.86 4.73
N ASP A 258 4.54 10.86 4.93
CA ASP A 258 5.93 10.96 4.58
C ASP A 258 6.10 10.65 3.09
N ILE A 259 5.31 9.69 2.62
CA ILE A 259 5.34 9.27 1.24
C ILE A 259 3.94 9.27 0.63
N ILE A 260 3.82 9.87 -0.54
CA ILE A 260 2.59 9.84 -1.29
C ILE A 260 2.88 9.33 -2.68
N GLU A 261 2.38 8.15 -2.98
CA GLU A 261 2.52 7.61 -4.31
C GLU A 261 1.18 7.62 -5.07
N PHE A 262 1.13 8.40 -6.14
CA PHE A 262 0.02 8.41 -7.06
C PHE A 262 0.23 7.34 -8.14
N LEU A 263 -0.87 6.76 -8.58
CA LEU A 263 -0.86 5.85 -9.73
C LEU A 263 -1.59 6.50 -10.90
N TYR A 264 -1.03 6.35 -12.08
CA TYR A 264 -1.62 6.86 -13.29
C TYR A 264 -1.37 5.83 -14.37
N ARG A 265 -2.45 5.44 -15.05
CA ARG A 265 -2.36 4.48 -16.14
C ARG A 265 -2.81 5.19 -17.42
N ASP A 266 -1.85 5.64 -18.23
CA ASP A 266 -2.14 6.53 -19.37
C ASP A 266 -3.17 5.98 -20.35
N ASP A 267 -3.17 4.66 -20.54
CA ASP A 267 -4.02 4.04 -21.57
C ASP A 267 -5.49 3.88 -21.16
N TYR A 268 -5.79 4.19 -19.90
CA TYR A 268 -7.16 4.38 -19.46
C TYR A 268 -7.72 5.66 -20.09
N TYR A 269 -6.89 6.69 -20.18
CA TYR A 269 -7.33 8.02 -20.61
C TYR A 269 -7.19 8.27 -22.13
N ASP A 270 -6.04 7.92 -22.71
CA ASP A 270 -5.85 8.04 -24.14
C ASP A 270 -5.63 6.65 -24.70
N LYS A 271 -6.51 6.23 -25.60
CA LYS A 271 -6.56 4.83 -26.03
C LYS A 271 -5.46 4.40 -27.02
N GLU A 272 -4.75 5.38 -27.57
CA GLU A 272 -3.53 5.10 -28.34
C GLU A 272 -2.32 5.77 -27.71
N SER A 273 -2.18 5.57 -26.40
CA SER A 273 -1.03 6.04 -25.68
C SER A 273 0.16 5.22 -26.15
N GLU A 274 1.31 5.90 -26.20
CA GLU A 274 2.58 5.26 -26.52
C GLU A 274 3.11 4.52 -25.29
N SER A 275 2.33 4.53 -24.21
CA SER A 275 2.73 3.91 -22.94
C SER A 275 1.83 2.74 -22.58
N LYS A 276 1.44 1.95 -23.59
CA LYS A 276 0.50 0.84 -23.42
C LYS A 276 0.86 -0.14 -22.30
N ASN A 277 -0.08 -0.34 -21.38
CA ASN A 277 0.09 -1.25 -20.25
C ASN A 277 1.16 -0.79 -19.25
N ILE A 278 1.38 0.53 -19.17
CA ILE A 278 2.28 1.10 -18.18
C ILE A 278 1.50 1.82 -17.07
N VAL A 279 1.78 1.43 -15.83
CA VAL A 279 1.32 2.17 -14.68
C VAL A 279 2.52 2.93 -14.15
N GLU A 280 2.41 4.25 -14.11
CA GLU A 280 3.44 5.02 -13.44
C GLU A 280 3.11 5.35 -11.98
N VAL A 281 4.07 5.05 -11.12
CA VAL A 281 4.01 5.40 -9.72
C VAL A 281 4.65 6.77 -9.56
N ILE A 282 3.83 7.78 -9.35
CA ILE A 282 4.33 9.13 -9.16
C ILE A 282 4.48 9.42 -7.67
N ILE A 283 5.72 9.50 -7.21
CA ILE A 283 6.08 9.91 -5.84
C ILE A 283 5.93 11.44 -5.77
N ALA A 284 4.79 11.91 -5.23
CA ALA A 284 4.48 13.35 -5.24
C ALA A 284 5.01 14.03 -3.97
N LYS A 285 5.27 13.23 -2.95
CA LYS A 285 5.85 13.71 -1.71
C LYS A 285 6.78 12.67 -1.15
N HIS A 286 7.95 13.13 -0.72
CA HIS A 286 8.94 12.29 -0.12
C HIS A 286 9.72 13.10 0.92
N ARG A 287 9.45 12.83 2.19
CA ARG A 287 9.98 13.63 3.31
C ARG A 287 11.51 13.54 3.44
N ASP A 288 12.01 12.31 3.30
CA ASP A 288 13.42 12.00 3.54
C ASP A 288 14.06 11.47 2.25
N GLY A 289 13.85 12.15 1.13
CA GLY A 289 14.39 11.68 -0.14
C GLY A 289 13.77 12.30 -1.37
N PRO A 290 14.13 11.77 -2.56
CA PRO A 290 13.80 12.34 -3.87
C PRO A 290 12.33 12.12 -4.29
N VAL A 291 11.76 13.08 -5.00
CA VAL A 291 10.51 12.79 -5.71
C VAL A 291 10.82 12.35 -7.15
N GLY A 292 9.80 11.83 -7.81
CA GLY A 292 9.91 11.43 -9.20
C GLY A 292 8.95 10.32 -9.52
N THR A 293 8.98 9.87 -10.76
CA THR A 293 8.05 8.89 -11.29
C THR A 293 8.76 7.58 -11.54
N VAL A 294 8.11 6.48 -11.17
CA VAL A 294 8.58 5.13 -11.44
C VAL A 294 7.54 4.37 -12.28
N SER A 295 7.91 3.97 -13.49
CA SER A 295 7.00 3.25 -14.38
C SER A 295 7.08 1.76 -14.14
N LEU A 296 5.94 1.09 -14.24
CA LEU A 296 5.88 -0.35 -14.12
C LEU A 296 4.97 -0.91 -15.21
N ALA A 297 5.29 -2.13 -15.66
CA ALA A 297 4.46 -2.86 -16.60
C ALA A 297 3.36 -3.54 -15.80
N PHE A 298 2.12 -3.26 -16.16
CA PHE A 298 0.99 -3.77 -15.44
C PHE A 298 0.40 -4.92 -16.22
N ILE A 299 0.35 -6.10 -15.60
CA ILE A 299 -0.27 -7.27 -16.22
C ILE A 299 -1.70 -7.34 -15.69
N LYS A 300 -2.58 -6.67 -16.43
CA LYS A 300 -3.99 -6.52 -16.10
C LYS A 300 -4.62 -7.83 -15.62
N GLU A 301 -4.69 -8.79 -16.53
CA GLU A 301 -5.33 -10.08 -16.32
C GLU A 301 -4.92 -10.78 -15.01
N TYR A 302 -3.74 -10.47 -14.49
CA TYR A 302 -3.28 -11.14 -13.29
C TYR A 302 -3.14 -10.21 -12.07
N GLY A 303 -3.35 -8.91 -12.29
CA GLY A 303 -3.17 -7.91 -11.25
C GLY A 303 -1.74 -7.89 -10.76
N ASN A 304 -0.82 -8.13 -11.70
CA ASN A 304 0.61 -8.16 -11.42
C ASN A 304 1.35 -6.98 -12.03
N PHE A 305 2.50 -6.66 -11.44
CA PHE A 305 3.32 -5.54 -11.87
C PHE A 305 4.76 -6.00 -12.07
N VAL A 306 5.36 -5.53 -13.16
CA VAL A 306 6.70 -5.92 -13.55
C VAL A 306 7.59 -4.71 -13.47
N ASN A 307 8.67 -4.86 -12.70
CA ASN A 307 9.73 -3.86 -12.63
C ASN A 307 10.34 -3.59 -13.98
N LEU A 308 10.54 -2.31 -14.26
CA LEU A 308 11.29 -1.86 -15.42
C LEU A 308 12.73 -1.52 -14.98
N GLU A 309 13.66 -1.50 -15.94
CA GLU A 309 15.10 -1.25 -15.67
C GLU A 309 15.40 0.09 -15.00
#